data_8B2I
#
_entry.id   8B2I
#
_cell.length_a   82.563
_cell.length_b   111.968
_cell.length_c   62.616
_cell.angle_alpha   90.000
_cell.angle_beta   90.000
_cell.angle_gamma   90.000
#
_symmetry.space_group_name_H-M   'C 2 2 21'
#
loop_
_entity.id
_entity.type
_entity.pdbx_description
1 polymer '14-3-3 protein sigma'
2 polymer 'Estrogen Related Receptor gamma phosphopeptide'
3 non-polymer 'MAGNESIUM ION'
4 non-polymer 'CHLORIDE ION'
5 non-polymer 4-methanoyl-~{N}-methyl-~{N}-(2-sulfanylethyl)benzamide
6 water water
#
loop_
_entity_poly.entity_id
_entity_poly.type
_entity_poly.pdbx_seq_one_letter_code
_entity_poly.pdbx_strand_id
1 'polypeptide(L)'
;GAMGSMERASLIQKAKLAEQAERYEDMAAFMKGAVEKGEELSNEERNLLSVAYKNVVGGQRAAWRVLSSIEQKSNEEGSE
EKGPEVREYREKVETELQGVCDTVLGLLDSHLIKEAGDAESRVFYLKMKGDYYRYLAEVATGDDKKRIIDSARSAYQEAM
DISKKEMPPTNPIRLGLALNFSVFHYEIANSPEEAISLAKTTFDEAMADLHTLSEDSYKDSTLIMQLLRDNLTLWT
;
A
2 'polypeptide(L)' KRRRK(SEP)CQA(NH2) B
#
loop_
_chem_comp.id
_chem_comp.type
_chem_comp.name
_chem_comp.formula
CL non-polymer 'CHLORIDE ION' 'Cl -1'
MG non-polymer 'MAGNESIUM ION' 'Mg 2'
NH2 non-polymer 'AMINO GROUP' 'H2 N'
OQ9 non-polymer 4-methanoyl-~{N}-methyl-~{N}-(2-sulfanylethyl)benzamide 'C11 H13 N O2 S'
#
# COMPACT_ATOMS: atom_id res chain seq x y z
N GLY A 1 -7.66 2.42 -23.17
CA GLY A 1 -8.96 1.91 -22.78
C GLY A 1 -10.07 2.92 -22.94
N ALA A 2 -11.07 2.85 -22.06
CA ALA A 2 -12.20 3.76 -22.14
C ALA A 2 -11.81 5.21 -21.90
N MET A 3 -10.62 5.48 -21.34
CA MET A 3 -10.19 6.86 -21.15
C MET A 3 -9.26 7.35 -22.26
N GLY A 4 -9.07 6.56 -23.31
CA GLY A 4 -8.13 6.94 -24.34
C GLY A 4 -8.50 8.21 -25.09
N SER A 5 -9.79 8.56 -25.13
CA SER A 5 -10.21 9.76 -25.84
C SER A 5 -10.21 11.00 -24.97
N MET A 6 -9.93 10.91 -23.67
CA MET A 6 -9.99 12.08 -22.81
C MET A 6 -8.58 12.64 -22.60
N GLU A 7 -8.46 13.97 -22.63
CA GLU A 7 -7.18 14.63 -22.42
C GLU A 7 -6.59 14.27 -21.06
N ARG A 8 -5.25 14.17 -21.02
CA ARG A 8 -4.57 13.91 -19.77
C ARG A 8 -4.97 14.91 -18.68
N ALA A 9 -4.97 16.20 -19.02
CA ALA A 9 -5.28 17.20 -18.00
C ALA A 9 -6.72 17.08 -17.51
N SER A 10 -7.64 16.71 -18.40
CA SER A 10 -9.04 16.49 -18.01
C SER A 10 -9.19 15.29 -17.09
N LEU A 11 -8.42 14.22 -17.34
CA LEU A 11 -8.45 13.06 -16.46
C LEU A 11 -7.97 13.44 -15.05
N ILE A 12 -6.89 14.21 -14.97
N ILE A 12 -6.93 14.25 -14.96
CA ILE A 12 -6.39 14.68 -13.68
CA ILE A 12 -6.43 14.63 -13.65
C ILE A 12 -7.44 15.54 -12.98
C ILE A 12 -7.41 15.59 -12.95
N GLN A 13 -8.01 16.51 -13.71
CA GLN A 13 -9.05 17.36 -13.15
C GLN A 13 -10.21 16.54 -12.60
N LYS A 14 -10.68 15.56 -13.37
CA LYS A 14 -11.79 14.72 -12.94
C LYS A 14 -11.39 13.83 -11.78
N ALA A 15 -10.14 13.36 -11.72
CA ALA A 15 -9.71 12.59 -10.55
C ALA A 15 -9.84 13.43 -9.29
N LYS A 16 -9.48 14.71 -9.37
CA LYS A 16 -9.59 15.57 -8.19
C LYS A 16 -11.05 15.80 -7.80
N LEU A 17 -11.93 15.94 -8.80
CA LEU A 17 -13.35 16.06 -8.51
C LEU A 17 -13.91 14.79 -7.90
N ALA A 18 -13.50 13.64 -8.43
CA ALA A 18 -13.95 12.37 -7.90
C ALA A 18 -13.51 12.21 -6.45
N GLU A 19 -12.28 12.64 -6.14
CA GLU A 19 -11.83 12.61 -4.75
C GLU A 19 -12.74 13.44 -3.84
N GLN A 20 -13.09 14.66 -4.28
CA GLN A 20 -13.96 15.51 -3.47
C GLN A 20 -15.32 14.88 -3.26
N ALA A 21 -15.81 14.12 -4.24
CA ALA A 21 -17.11 13.46 -4.17
C ALA A 21 -17.03 12.07 -3.55
N GLU A 22 -15.84 11.65 -3.12
CA GLU A 22 -15.62 10.33 -2.53
C GLU A 22 -16.02 9.21 -3.48
N ARG A 23 -15.76 9.42 -4.77
CA ARG A 23 -16.03 8.47 -5.83
C ARG A 23 -14.70 7.83 -6.24
N TYR A 24 -14.22 6.92 -5.39
CA TYR A 24 -12.85 6.45 -5.54
C TYR A 24 -12.69 5.49 -6.70
N GLU A 25 -13.71 4.71 -7.04
CA GLU A 25 -13.64 3.90 -8.25
C GLU A 25 -13.46 4.76 -9.48
N ASP A 26 -14.24 5.84 -9.60
CA ASP A 26 -14.06 6.76 -10.71
C ASP A 26 -12.68 7.39 -10.66
N MET A 27 -12.23 7.79 -9.48
CA MET A 27 -10.93 8.44 -9.33
C MET A 27 -9.84 7.52 -9.87
N ALA A 28 -9.91 6.23 -9.50
CA ALA A 28 -8.90 5.27 -9.94
C ALA A 28 -8.94 5.08 -11.45
N ALA A 29 -10.15 5.01 -12.02
CA ALA A 29 -10.24 4.86 -13.46
C ALA A 29 -9.67 6.08 -14.19
N PHE A 30 -9.92 7.28 -13.68
CA PHE A 30 -9.34 8.47 -14.28
C PHE A 30 -7.82 8.45 -14.20
N MET A 31 -7.28 8.07 -13.03
CA MET A 31 -5.82 8.05 -12.87
C MET A 31 -5.17 6.95 -13.69
N LYS A 32 -5.83 5.79 -13.82
CA LYS A 32 -5.33 4.77 -14.76
C LYS A 32 -5.25 5.32 -16.17
N GLY A 33 -6.30 6.01 -16.61
CA GLY A 33 -6.26 6.64 -17.92
C GLY A 33 -5.12 7.64 -18.04
N ALA A 34 -4.88 8.42 -16.99
CA ALA A 34 -3.77 9.37 -17.05
C ALA A 34 -2.43 8.65 -17.15
N VAL A 35 -2.22 7.60 -16.35
CA VAL A 35 -0.97 6.84 -16.45
C VAL A 35 -0.79 6.31 -17.86
N GLU A 36 -1.86 5.79 -18.46
CA GLU A 36 -1.76 5.16 -19.77
C GLU A 36 -1.49 6.16 -20.89
N LYS A 37 -1.54 7.46 -20.62
CA LYS A 37 -1.07 8.43 -21.61
C LYS A 37 0.43 8.30 -21.87
N GLY A 38 1.18 7.69 -20.95
CA GLY A 38 2.57 7.37 -21.17
C GLY A 38 3.57 8.39 -20.63
N GLU A 39 3.11 9.52 -20.14
CA GLU A 39 4.02 10.49 -19.54
C GLU A 39 4.23 10.15 -18.08
N GLU A 40 5.40 10.54 -17.56
CA GLU A 40 5.67 10.40 -16.14
C GLU A 40 4.69 11.22 -15.31
N LEU A 41 4.53 10.86 -14.04
CA LEU A 41 3.60 11.54 -13.14
C LEU A 41 4.36 12.50 -12.24
N SER A 42 3.76 13.66 -11.98
CA SER A 42 4.28 14.57 -10.98
C SER A 42 4.02 14.03 -9.57
N ASN A 43 4.59 14.71 -8.57
CA ASN A 43 4.36 14.31 -7.19
C ASN A 43 2.86 14.31 -6.85
N GLU A 44 2.16 15.37 -7.21
CA GLU A 44 0.74 15.44 -6.93
C GLU A 44 -0.02 14.33 -7.64
N GLU A 45 0.35 14.05 -8.90
CA GLU A 45 -0.34 13.01 -9.66
C GLU A 45 -0.07 11.62 -9.08
N ARG A 46 1.15 11.37 -8.61
CA ARG A 46 1.43 10.09 -7.96
C ARG A 46 0.55 9.93 -6.73
N ASN A 47 0.38 11.01 -5.96
CA ASN A 47 -0.48 10.95 -4.78
C ASN A 47 -1.93 10.67 -5.17
N LEU A 48 -2.41 11.27 -6.26
CA LEU A 48 -3.79 10.99 -6.67
C LEU A 48 -3.96 9.53 -7.06
N LEU A 49 -2.99 8.98 -7.79
CA LEU A 49 -3.03 7.57 -8.16
C LEU A 49 -3.09 6.69 -6.92
N SER A 50 -2.23 6.98 -5.94
CA SER A 50 -2.14 6.15 -4.74
C SER A 50 -3.40 6.27 -3.90
N VAL A 51 -3.90 7.47 -3.67
CA VAL A 51 -5.12 7.67 -2.89
C VAL A 51 -6.27 6.89 -3.52
N ALA A 52 -6.41 6.97 -4.83
CA ALA A 52 -7.55 6.36 -5.51
C ALA A 52 -7.55 4.85 -5.29
N TYR A 53 -6.44 4.20 -5.64
CA TYR A 53 -6.40 2.74 -5.54
C TYR A 53 -6.38 2.27 -4.09
N LYS A 54 -5.76 3.03 -3.17
CA LYS A 54 -5.76 2.59 -1.78
C LYS A 54 -7.17 2.59 -1.22
N ASN A 55 -7.98 3.55 -1.63
CA ASN A 55 -9.37 3.57 -1.17
C ASN A 55 -10.18 2.45 -1.78
N VAL A 56 -10.02 2.20 -3.07
CA VAL A 56 -10.74 1.10 -3.72
C VAL A 56 -10.38 -0.23 -3.06
N VAL A 57 -9.08 -0.55 -3.01
N VAL A 57 -9.09 -0.54 -3.00
CA VAL A 57 -8.70 -1.83 -2.42
CA VAL A 57 -8.67 -1.82 -2.45
C VAL A 57 -9.03 -1.87 -0.94
C VAL A 57 -8.92 -1.88 -0.94
N GLY A 58 -8.91 -0.73 -0.26
CA GLY A 58 -9.21 -0.72 1.17
C GLY A 58 -10.64 -1.16 1.44
N GLY A 59 -11.59 -0.71 0.62
CA GLY A 59 -12.96 -1.17 0.77
C GLY A 59 -13.08 -2.66 0.50
N GLN A 60 -12.40 -3.15 -0.54
CA GLN A 60 -12.46 -4.57 -0.85
C GLN A 60 -11.85 -5.41 0.27
N ARG A 61 -10.71 -4.97 0.82
CA ARG A 61 -10.04 -5.70 1.89
C ARG A 61 -10.93 -5.77 3.13
N ALA A 62 -11.56 -4.65 3.48
CA ALA A 62 -12.43 -4.66 4.65
C ALA A 62 -13.60 -5.62 4.45
N ALA A 63 -14.18 -5.63 3.24
CA ALA A 63 -15.27 -6.56 2.95
C ALA A 63 -14.78 -8.00 2.99
N TRP A 64 -13.60 -8.25 2.43
CA TRP A 64 -13.04 -9.59 2.45
C TRP A 64 -12.84 -10.08 3.88
N ARG A 65 -12.38 -9.20 4.78
CA ARG A 65 -12.17 -9.62 6.15
C ARG A 65 -13.49 -9.98 6.84
N VAL A 66 -14.55 -9.21 6.57
CA VAL A 66 -15.87 -9.53 7.12
C VAL A 66 -16.30 -10.91 6.64
N LEU A 67 -16.22 -11.14 5.34
CA LEU A 67 -16.67 -12.42 4.78
C LEU A 67 -15.80 -13.58 5.22
N SER A 68 -14.48 -13.36 5.32
N SER A 68 -14.48 -13.35 5.33
CA SER A 68 -13.59 -14.42 5.77
CA SER A 68 -13.59 -14.42 5.78
C SER A 68 -13.89 -14.82 7.21
C SER A 68 -13.91 -14.83 7.21
N SER A 69 -14.22 -13.85 8.06
CA SER A 69 -14.58 -14.17 9.44
C SER A 69 -15.87 -14.98 9.49
N ILE A 70 -16.85 -14.62 8.67
CA ILE A 70 -18.10 -15.39 8.63
C ILE A 70 -17.82 -16.82 8.18
N GLU A 71 -16.98 -16.97 7.15
CA GLU A 71 -16.66 -18.28 6.62
C GLU A 71 -15.92 -19.12 7.65
N GLN A 72 -14.99 -18.51 8.38
CA GLN A 72 -14.26 -19.24 9.40
C GLN A 72 -15.19 -19.75 10.49
N LYS A 73 -16.14 -18.92 10.92
CA LYS A 73 -17.13 -19.36 11.91
C LYS A 73 -17.96 -20.52 11.36
N SER A 74 -18.32 -20.46 10.09
CA SER A 74 -19.11 -21.53 9.48
C SER A 74 -18.39 -22.87 9.51
N ASN A 75 -17.07 -22.87 9.61
CA ASN A 75 -16.29 -24.10 9.61
C ASN A 75 -15.89 -24.56 11.00
N GLU A 76 -16.43 -23.95 12.05
CA GLU A 76 -16.22 -24.41 13.41
C GLU A 76 -17.17 -25.57 13.73
N GLU A 77 -16.76 -26.38 14.70
CA GLU A 77 -17.58 -27.50 15.14
C GLU A 77 -18.90 -27.00 15.71
N GLY A 78 -20.00 -27.68 15.35
CA GLY A 78 -21.31 -27.30 15.80
C GLY A 78 -22.03 -26.30 14.93
N SER A 79 -21.35 -25.76 13.91
CA SER A 79 -21.97 -24.80 13.01
C SER A 79 -22.80 -25.52 11.96
N GLU A 80 -23.98 -24.98 11.67
CA GLU A 80 -24.86 -25.58 10.69
C GLU A 80 -24.30 -25.42 9.28
N GLU A 81 -24.52 -26.44 8.46
CA GLU A 81 -24.19 -26.36 7.04
C GLU A 81 -25.16 -25.41 6.35
N LYS A 82 -24.63 -24.37 5.72
CA LYS A 82 -25.46 -23.37 5.05
C LYS A 82 -25.24 -23.34 3.55
N GLY A 83 -24.46 -24.27 3.00
CA GLY A 83 -24.24 -24.34 1.59
C GLY A 83 -22.99 -23.58 1.16
N PRO A 84 -22.80 -23.46 -0.16
CA PRO A 84 -21.58 -22.87 -0.70
C PRO A 84 -21.57 -21.35 -0.75
N GLU A 85 -22.64 -20.68 -0.32
CA GLU A 85 -22.81 -19.25 -0.62
C GLU A 85 -21.75 -18.38 0.04
N VAL A 86 -21.39 -18.63 1.30
CA VAL A 86 -20.42 -17.79 1.97
C VAL A 86 -19.07 -17.88 1.26
N ARG A 87 -18.63 -19.11 0.98
CA ARG A 87 -17.39 -19.30 0.24
C ARG A 87 -17.46 -18.65 -1.13
N GLU A 88 -18.55 -18.86 -1.85
CA GLU A 88 -18.68 -18.28 -3.19
C GLU A 88 -18.56 -16.78 -3.15
N TYR A 89 -19.25 -16.14 -2.20
CA TYR A 89 -19.24 -14.68 -2.17
C TYR A 89 -17.90 -14.14 -1.70
N ARG A 90 -17.26 -14.78 -0.71
CA ARG A 90 -15.90 -14.40 -0.33
C ARG A 90 -14.97 -14.52 -1.54
N GLU A 91 -15.11 -15.60 -2.32
N GLU A 91 -15.11 -15.59 -2.33
CA GLU A 91 -14.28 -15.77 -3.52
CA GLU A 91 -14.29 -15.77 -3.51
C GLU A 91 -14.55 -14.68 -4.54
C GLU A 91 -14.55 -14.67 -4.54
N LYS A 92 -15.81 -14.25 -4.68
CA LYS A 92 -16.12 -13.20 -5.64
C LYS A 92 -15.43 -11.90 -5.25
N VAL A 93 -15.53 -11.53 -3.98
CA VAL A 93 -14.86 -10.33 -3.51
C VAL A 93 -13.34 -10.47 -3.63
N GLU A 94 -12.82 -11.65 -3.29
CA GLU A 94 -11.38 -11.90 -3.39
C GLU A 94 -10.88 -11.75 -4.81
N THR A 95 -11.63 -12.27 -5.78
CA THR A 95 -11.21 -12.19 -7.17
C THR A 95 -11.21 -10.74 -7.65
N GLU A 96 -12.22 -9.97 -7.24
N GLU A 96 -12.19 -9.94 -7.21
CA GLU A 96 -12.26 -8.56 -7.58
CA GLU A 96 -12.22 -8.54 -7.62
C GLU A 96 -11.05 -7.84 -7.00
C GLU A 96 -11.09 -7.75 -6.97
N LEU A 97 -10.77 -8.09 -5.72
CA LEU A 97 -9.62 -7.48 -5.06
C LEU A 97 -8.32 -7.82 -5.78
N GLN A 98 -8.12 -9.10 -6.11
CA GLN A 98 -6.93 -9.51 -6.84
C GLN A 98 -6.84 -8.80 -8.18
N GLY A 99 -7.98 -8.60 -8.84
CA GLY A 99 -7.98 -7.88 -10.10
C GLY A 99 -7.49 -6.45 -9.97
N VAL A 100 -7.91 -5.77 -8.90
CA VAL A 100 -7.44 -4.41 -8.69
C VAL A 100 -5.95 -4.41 -8.41
N CYS A 101 -5.47 -5.34 -7.58
CA CYS A 101 -4.04 -5.41 -7.32
C CYS A 101 -3.26 -5.66 -8.60
N ASP A 102 -3.74 -6.59 -9.44
CA ASP A 102 -3.08 -6.86 -10.70
C ASP A 102 -3.07 -5.63 -11.60
N THR A 103 -4.16 -4.86 -11.57
CA THR A 103 -4.22 -3.63 -12.37
C THR A 103 -3.14 -2.64 -11.94
N VAL A 104 -3.01 -2.42 -10.62
CA VAL A 104 -2.01 -1.48 -10.13
C VAL A 104 -0.61 -1.99 -10.46
N LEU A 105 -0.36 -3.29 -10.18
CA LEU A 105 0.94 -3.85 -10.49
C LEU A 105 1.25 -3.74 -11.96
N GLY A 106 0.24 -3.88 -12.82
CA GLY A 106 0.46 -3.73 -14.25
C GLY A 106 0.84 -2.31 -14.65
N LEU A 107 0.23 -1.30 -14.01
CA LEU A 107 0.62 0.07 -14.30
C LEU A 107 2.05 0.31 -13.86
N LEU A 108 2.43 -0.24 -12.70
CA LEU A 108 3.78 -0.05 -12.21
C LEU A 108 4.79 -0.70 -13.15
N ASP A 109 4.46 -1.88 -13.68
CA ASP A 109 5.35 -2.58 -14.60
C ASP A 109 5.33 -2.03 -16.01
N SER A 110 4.29 -1.32 -16.40
CA SER A 110 4.12 -0.89 -17.80
C SER A 110 3.54 0.53 -17.75
N HIS A 111 4.39 1.52 -17.49
CA HIS A 111 5.86 1.49 -17.37
C HIS A 111 6.35 2.46 -16.31
N LEU A 112 5.60 2.61 -15.22
CA LEU A 112 5.94 3.66 -14.25
C LEU A 112 7.32 3.45 -13.62
N ILE A 113 7.62 2.24 -13.16
CA ILE A 113 8.86 2.03 -12.44
C ILE A 113 10.08 2.25 -13.33
N LYS A 114 10.06 1.70 -14.54
CA LYS A 114 11.26 1.76 -15.37
C LYS A 114 11.62 3.18 -15.78
N GLU A 115 10.64 4.10 -15.78
N GLU A 115 10.66 4.12 -15.81
CA GLU A 115 10.86 5.48 -16.15
CA GLU A 115 11.01 5.49 -16.16
C GLU A 115 11.20 6.37 -14.96
C GLU A 115 11.24 6.38 -14.95
N ALA A 116 11.06 5.86 -13.74
CA ALA A 116 11.22 6.65 -12.52
C ALA A 116 12.67 6.63 -12.07
N GLY A 117 13.34 7.77 -12.21
CA GLY A 117 14.76 7.87 -11.88
C GLY A 117 15.05 8.67 -10.62
N ASP A 118 14.19 9.60 -10.25
CA ASP A 118 14.42 10.34 -9.03
C ASP A 118 14.02 9.49 -7.83
N ALA A 119 14.72 9.69 -6.71
CA ALA A 119 14.44 8.88 -5.53
C ALA A 119 12.98 8.97 -5.10
N GLU A 120 12.41 10.17 -5.14
CA GLU A 120 11.06 10.35 -4.62
C GLU A 120 10.05 9.56 -5.45
N SER A 121 10.24 9.48 -6.76
CA SER A 121 9.29 8.74 -7.57
C SER A 121 9.57 7.25 -7.50
N ARG A 122 10.84 6.85 -7.60
CA ARG A 122 11.18 5.44 -7.64
C ARG A 122 10.81 4.75 -6.34
N VAL A 123 11.16 5.36 -5.19
CA VAL A 123 10.79 4.79 -3.89
C VAL A 123 9.28 4.69 -3.75
N PHE A 124 8.55 5.73 -4.16
CA PHE A 124 7.09 5.71 -4.08
C PHE A 124 6.51 4.55 -4.87
N TYR A 125 6.98 4.33 -6.09
CA TYR A 125 6.42 3.26 -6.91
C TYR A 125 6.80 1.89 -6.39
N LEU A 126 8.03 1.74 -5.88
CA LEU A 126 8.43 0.46 -5.31
C LEU A 126 7.67 0.15 -4.02
N LYS A 127 7.42 1.17 -3.20
CA LYS A 127 6.54 1.01 -2.06
C LYS A 127 5.16 0.53 -2.51
N MET A 128 4.60 1.15 -3.53
N MET A 128 4.59 1.16 -3.53
CA MET A 128 3.30 0.73 -4.04
CA MET A 128 3.30 0.72 -4.05
C MET A 128 3.34 -0.73 -4.49
C MET A 128 3.35 -0.73 -4.48
N LYS A 129 4.41 -1.12 -5.18
CA LYS A 129 4.53 -2.50 -5.63
C LYS A 129 4.55 -3.45 -4.43
N GLY A 130 5.30 -3.10 -3.38
CA GLY A 130 5.27 -3.90 -2.17
C GLY A 130 3.90 -3.96 -1.54
N ASP A 131 3.20 -2.83 -1.47
CA ASP A 131 1.85 -2.80 -0.89
C ASP A 131 0.88 -3.72 -1.63
N TYR A 132 0.87 -3.67 -2.97
CA TYR A 132 -0.13 -4.46 -3.69
C TYR A 132 0.21 -5.94 -3.69
N TYR A 133 1.50 -6.29 -3.69
CA TYR A 133 1.84 -7.68 -3.42
C TYR A 133 1.46 -8.08 -2.00
N ARG A 134 1.60 -7.17 -1.03
CA ARG A 134 1.17 -7.47 0.34
C ARG A 134 -0.33 -7.72 0.40
N TYR A 135 -1.13 -6.92 -0.32
CA TYR A 135 -2.56 -7.17 -0.33
C TYR A 135 -2.90 -8.51 -1.00
N LEU A 136 -2.18 -8.88 -2.06
CA LEU A 136 -2.33 -10.22 -2.62
C LEU A 136 -1.96 -11.29 -1.59
N ALA A 137 -0.92 -11.03 -0.79
CA ALA A 137 -0.50 -12.01 0.21
C ALA A 137 -1.53 -12.19 1.30
N GLU A 138 -2.28 -11.13 1.62
CA GLU A 138 -3.29 -11.21 2.67
C GLU A 138 -4.33 -12.28 2.36
N VAL A 139 -4.60 -12.54 1.07
CA VAL A 139 -5.64 -13.47 0.66
C VAL A 139 -5.07 -14.75 0.07
N ALA A 140 -3.76 -14.84 -0.08
CA ALA A 140 -3.16 -16.01 -0.71
C ALA A 140 -3.17 -17.20 0.24
N THR A 141 -3.56 -18.36 -0.29
CA THR A 141 -3.58 -19.59 0.48
C THR A 141 -2.94 -20.76 -0.28
N GLY A 142 -2.46 -20.54 -1.50
CA GLY A 142 -2.00 -21.63 -2.33
C GLY A 142 -0.50 -21.75 -2.56
N ASP A 143 -0.13 -22.35 -3.69
CA ASP A 143 1.25 -22.73 -3.94
C ASP A 143 2.15 -21.56 -4.32
N ASP A 144 1.58 -20.43 -4.73
N ASP A 144 1.57 -20.43 -4.73
CA ASP A 144 2.37 -19.25 -5.06
CA ASP A 144 2.33 -19.25 -5.06
C ASP A 144 2.45 -18.26 -3.90
C ASP A 144 2.45 -18.26 -3.90
N LYS A 145 1.91 -18.61 -2.73
CA LYS A 145 1.92 -17.68 -1.60
C LYS A 145 3.33 -17.26 -1.22
N LYS A 146 4.26 -18.22 -1.19
CA LYS A 146 5.64 -17.85 -0.86
C LYS A 146 6.21 -16.90 -1.90
N ARG A 147 5.90 -17.11 -3.19
CA ARG A 147 6.45 -16.21 -4.20
C ARG A 147 5.79 -14.83 -4.13
N ILE A 148 4.49 -14.77 -3.79
CA ILE A 148 3.84 -13.47 -3.63
C ILE A 148 4.47 -12.70 -2.48
N ILE A 149 4.72 -13.38 -1.35
CA ILE A 149 5.35 -12.76 -0.20
C ILE A 149 6.74 -12.29 -0.57
N ASP A 150 7.51 -13.09 -1.32
N ASP A 150 7.48 -13.12 -1.31
CA ASP A 150 8.86 -12.65 -1.66
CA ASP A 150 8.82 -12.77 -1.75
C ASP A 150 8.85 -11.49 -2.65
C ASP A 150 8.82 -11.51 -2.61
N SER A 151 7.83 -11.41 -3.50
CA SER A 151 7.71 -10.25 -4.39
C SER A 151 7.46 -8.98 -3.59
N ALA A 152 6.59 -9.04 -2.57
CA ALA A 152 6.39 -7.88 -1.71
C ALA A 152 7.70 -7.51 -1.01
N ARG A 153 8.37 -8.51 -0.42
N ARG A 153 8.36 -8.51 -0.42
CA ARG A 153 9.61 -8.25 0.30
CA ARG A 153 9.61 -8.28 0.30
C ARG A 153 10.65 -7.61 -0.61
C ARG A 153 10.65 -7.62 -0.60
N SER A 154 10.80 -8.14 -1.82
CA SER A 154 11.84 -7.64 -2.72
C SER A 154 11.58 -6.20 -3.12
N ALA A 155 10.33 -5.84 -3.41
CA ALA A 155 10.00 -4.46 -3.77
C ALA A 155 10.24 -3.51 -2.60
N TYR A 156 9.77 -3.90 -1.40
CA TYR A 156 10.02 -3.08 -0.21
C TYR A 156 11.51 -2.93 0.04
N GLN A 157 12.28 -4.02 -0.13
CA GLN A 157 13.71 -3.95 0.19
C GLN A 157 14.42 -3.01 -0.77
N GLU A 158 14.09 -3.05 -2.07
CA GLU A 158 14.72 -2.12 -2.99
C GLU A 158 14.34 -0.68 -2.66
N ALA A 159 13.07 -0.45 -2.29
CA ALA A 159 12.64 0.89 -1.89
C ALA A 159 13.39 1.35 -0.64
N MET A 160 13.56 0.46 0.35
N MET A 160 13.57 0.42 0.30
CA MET A 160 14.29 0.81 1.55
CA MET A 160 14.28 0.71 1.55
C MET A 160 15.74 1.16 1.22
C MET A 160 15.72 1.09 1.27
N ASP A 161 16.38 0.37 0.35
CA ASP A 161 17.78 0.62 0.07
C ASP A 161 17.96 1.99 -0.57
N ILE A 162 17.09 2.35 -1.52
CA ILE A 162 17.17 3.65 -2.15
C ILE A 162 16.86 4.75 -1.14
N SER A 163 15.81 4.56 -0.35
CA SER A 163 15.38 5.61 0.58
C SER A 163 16.48 5.91 1.62
N LYS A 164 17.18 4.88 2.09
CA LYS A 164 18.27 5.13 3.05
C LYS A 164 19.42 5.88 2.43
N LYS A 165 19.71 5.65 1.15
N LYS A 165 19.72 5.61 1.16
CA LYS A 165 20.83 6.30 0.51
CA LYS A 165 20.82 6.30 0.49
C LYS A 165 20.50 7.71 0.01
C LYS A 165 20.44 7.75 0.17
N GLU A 166 19.23 7.98 -0.33
CA GLU A 166 18.91 9.20 -1.05
C GLU A 166 17.95 10.15 -0.35
N MET A 167 17.36 9.77 0.77
N MET A 167 17.32 9.74 0.74
CA MET A 167 16.35 10.62 1.38
CA MET A 167 16.32 10.56 1.41
C MET A 167 16.59 10.74 2.88
C MET A 167 16.72 10.79 2.86
N PRO A 168 16.30 11.90 3.46
CA PRO A 168 16.52 12.08 4.90
C PRO A 168 15.59 11.19 5.70
N PRO A 169 15.96 10.88 6.96
CA PRO A 169 15.13 9.97 7.75
C PRO A 169 13.76 10.50 8.08
N THR A 170 13.51 11.79 7.92
CA THR A 170 12.19 12.37 8.15
C THR A 170 11.34 12.45 6.89
N ASN A 171 11.86 12.06 5.74
CA ASN A 171 11.07 12.19 4.51
C ASN A 171 9.77 11.38 4.63
N PRO A 172 8.60 11.97 4.32
CA PRO A 172 7.34 11.22 4.50
C PRO A 172 7.26 9.94 3.69
N ILE A 173 7.84 9.88 2.49
CA ILE A 173 7.80 8.63 1.72
C ILE A 173 8.64 7.57 2.42
N ARG A 174 9.85 7.94 2.85
CA ARG A 174 10.68 7.01 3.59
C ARG A 174 9.96 6.50 4.83
N LEU A 175 9.27 7.39 5.55
CA LEU A 175 8.58 7.00 6.78
C LEU A 175 7.40 6.09 6.48
N GLY A 176 6.59 6.43 5.47
CA GLY A 176 5.45 5.60 5.14
C GLY A 176 5.86 4.23 4.63
N LEU A 177 6.94 4.19 3.85
CA LEU A 177 7.50 2.91 3.40
C LEU A 177 7.89 2.06 4.59
N ALA A 178 8.61 2.65 5.55
CA ALA A 178 9.07 1.87 6.71
C ALA A 178 7.90 1.39 7.54
N LEU A 179 6.88 2.23 7.71
CA LEU A 179 5.66 1.81 8.39
C LEU A 179 5.07 0.57 7.74
N ASN A 180 4.91 0.62 6.41
CA ASN A 180 4.28 -0.49 5.69
C ASN A 180 5.15 -1.74 5.66
N PHE A 181 6.47 -1.58 5.50
CA PHE A 181 7.35 -2.75 5.53
C PHE A 181 7.33 -3.37 6.92
N SER A 182 7.24 -2.55 7.97
N SER A 182 7.27 -2.56 7.97
CA SER A 182 7.13 -3.09 9.31
CA SER A 182 7.13 -3.14 9.31
C SER A 182 5.84 -3.90 9.50
C SER A 182 5.86 -3.95 9.44
N VAL A 183 4.73 -3.42 8.94
CA VAL A 183 3.48 -4.20 8.96
C VAL A 183 3.63 -5.50 8.18
N PHE A 184 4.26 -5.43 7.01
CA PHE A 184 4.59 -6.64 6.26
C PHE A 184 5.32 -7.65 7.14
N HIS A 185 6.38 -7.21 7.82
CA HIS A 185 7.13 -8.13 8.68
C HIS A 185 6.23 -8.73 9.75
N TYR A 186 5.40 -7.89 10.38
CA TYR A 186 4.63 -8.33 11.53
C TYR A 186 3.58 -9.36 11.14
N GLU A 187 2.80 -9.08 10.10
CA GLU A 187 1.61 -9.87 9.88
C GLU A 187 1.63 -10.70 8.60
N ILE A 188 2.59 -10.49 7.70
CA ILE A 188 2.74 -11.31 6.50
C ILE A 188 3.89 -12.29 6.63
N ALA A 189 5.06 -11.80 7.06
CA ALA A 189 6.26 -12.62 7.11
C ALA A 189 6.49 -13.29 8.45
N ASN A 190 5.56 -13.18 9.40
CA ASN A 190 5.71 -13.87 10.69
C ASN A 190 7.00 -13.47 11.39
N SER A 191 7.35 -12.19 11.31
CA SER A 191 8.60 -11.66 11.87
C SER A 191 8.31 -10.45 12.76
N PRO A 192 7.59 -10.65 13.86
CA PRO A 192 7.27 -9.49 14.72
C PRO A 192 8.49 -8.78 15.27
N GLU A 193 9.57 -9.49 15.59
CA GLU A 193 10.76 -8.80 16.10
C GLU A 193 11.35 -7.88 15.04
N GLU A 194 11.39 -8.32 13.78
CA GLU A 194 11.87 -7.45 12.72
C GLU A 194 10.96 -6.25 12.56
N ALA A 195 9.65 -6.45 12.65
CA ALA A 195 8.70 -5.35 12.55
C ALA A 195 8.94 -4.31 13.65
N ILE A 196 9.13 -4.78 14.88
CA ILE A 196 9.34 -3.87 16.00
C ILE A 196 10.67 -3.14 15.86
N SER A 197 11.73 -3.87 15.51
N SER A 197 11.72 -3.85 15.48
CA SER A 197 13.03 -3.23 15.32
CA SER A 197 13.03 -3.22 15.33
C SER A 197 12.94 -2.14 14.25
C SER A 197 13.02 -2.18 14.22
N LEU A 198 12.32 -2.46 13.12
CA LEU A 198 12.26 -1.49 12.04
C LEU A 198 11.47 -0.25 12.46
N ALA A 199 10.34 -0.45 13.14
CA ALA A 199 9.55 0.70 13.58
C ALA A 199 10.33 1.56 14.57
N LYS A 200 10.94 0.94 15.58
N LYS A 200 11.12 0.92 15.45
CA LYS A 200 11.62 1.71 16.61
CA LYS A 200 11.93 1.62 16.44
C LYS A 200 12.81 2.47 16.03
C LYS A 200 13.05 2.43 15.80
N THR A 201 13.59 1.82 15.16
N THR A 201 13.88 1.78 14.98
CA THR A 201 14.75 2.45 14.55
CA THR A 201 14.98 2.53 14.38
C THR A 201 14.34 3.60 13.64
C THR A 201 14.46 3.62 13.46
N THR A 202 13.33 3.38 12.79
CA THR A 202 12.80 4.43 11.93
C THR A 202 12.34 5.62 12.76
N PHE A 203 11.59 5.36 13.84
CA PHE A 203 11.13 6.45 14.69
C PHE A 203 12.29 7.23 15.28
N ASP A 204 13.27 6.53 15.82
CA ASP A 204 14.37 7.19 16.52
C ASP A 204 15.23 7.99 15.55
N GLU A 205 15.48 7.47 14.36
CA GLU A 205 16.26 8.23 13.39
C GLU A 205 15.52 9.46 12.88
N ALA A 206 14.20 9.36 12.75
CA ALA A 206 13.43 10.54 12.36
C ALA A 206 13.46 11.58 13.48
N MET A 207 13.28 11.15 14.73
N MET A 207 13.25 11.15 14.72
CA MET A 207 13.30 12.09 15.84
CA MET A 207 13.33 12.04 15.89
C MET A 207 14.59 12.91 15.87
C MET A 207 14.59 12.90 15.82
N ALA A 208 15.72 12.26 15.59
CA ALA A 208 17.02 12.94 15.62
C ALA A 208 17.19 13.96 14.48
N ASP A 209 16.35 13.89 13.45
CA ASP A 209 16.47 14.75 12.27
C ASP A 209 15.38 15.84 12.26
N LEU A 210 14.44 15.83 13.21
CA LEU A 210 13.39 16.83 13.22
C LEU A 210 13.92 18.25 13.33
N HIS A 211 15.07 18.43 14.01
CA HIS A 211 15.62 19.76 14.22
C HIS A 211 15.95 20.49 12.92
N THR A 212 16.08 19.76 11.82
CA THR A 212 16.46 20.34 10.53
C THR A 212 15.27 20.92 9.78
N LEU A 213 14.05 20.69 10.25
CA LEU A 213 12.83 20.88 9.47
C LEU A 213 12.14 22.19 9.78
N SER A 214 11.42 22.70 8.78
CA SER A 214 10.47 23.78 8.99
C SER A 214 9.28 23.28 9.81
N GLU A 215 8.45 24.23 10.25
CA GLU A 215 7.26 23.86 11.01
C GLU A 215 6.34 22.96 10.19
N ASP A 216 6.13 23.27 8.91
CA ASP A 216 5.23 22.45 8.11
C ASP A 216 5.79 21.06 7.87
N SER A 217 7.09 20.94 7.59
CA SER A 217 7.69 19.62 7.41
C SER A 217 7.67 18.84 8.71
N TYR A 218 7.89 19.52 9.83
CA TYR A 218 7.84 18.86 11.13
C TYR A 218 6.47 18.24 11.36
N LYS A 219 5.40 18.97 11.01
CA LYS A 219 4.06 18.41 11.16
C LYS A 219 3.87 17.18 10.27
N ASP A 220 4.35 17.24 9.02
CA ASP A 220 4.21 16.11 8.11
C ASP A 220 4.92 14.88 8.66
N SER A 221 6.15 15.06 9.14
CA SER A 221 6.93 13.92 9.60
C SER A 221 6.39 13.36 10.91
N THR A 222 6.06 14.23 11.87
CA THR A 222 5.58 13.73 13.16
C THR A 222 4.25 13.00 13.03
N LEU A 223 3.42 13.37 12.05
CA LEU A 223 2.16 12.64 11.84
C LEU A 223 2.43 11.17 11.57
N ILE A 224 3.41 10.88 10.71
CA ILE A 224 3.73 9.49 10.38
C ILE A 224 4.47 8.82 11.51
N MET A 225 5.34 9.57 12.21
CA MET A 225 5.98 8.99 13.38
C MET A 225 4.97 8.50 14.39
N GLN A 226 3.85 9.21 14.54
CA GLN A 226 2.84 8.78 15.49
C GLN A 226 2.23 7.43 15.09
N LEU A 227 2.13 7.16 13.78
CA LEU A 227 1.65 5.85 13.34
C LEU A 227 2.62 4.75 13.73
N LEU A 228 3.92 5.00 13.57
CA LEU A 228 4.92 4.04 14.04
C LEU A 228 4.80 3.81 15.53
N ARG A 229 4.61 4.89 16.30
CA ARG A 229 4.44 4.76 17.75
C ARG A 229 3.16 3.99 18.08
N ASP A 230 2.08 4.25 17.35
CA ASP A 230 0.85 3.50 17.58
C ASP A 230 1.09 2.01 17.43
N ASN A 231 1.84 1.61 16.41
CA ASN A 231 2.10 0.19 16.21
C ASN A 231 3.02 -0.35 17.30
N LEU A 232 4.05 0.40 17.68
CA LEU A 232 4.91 -0.07 18.76
C LEU A 232 4.14 -0.26 20.05
N THR A 233 3.20 0.63 20.35
CA THR A 233 2.39 0.49 21.56
C THR A 233 1.49 -0.75 21.48
N LEU A 234 0.93 -1.02 20.30
CA LEU A 234 0.09 -2.19 20.12
C LEU A 234 0.89 -3.48 20.22
N TRP A 235 2.13 -3.47 19.73
CA TRP A 235 2.91 -4.69 19.56
C TRP A 235 3.82 -5.00 20.73
N THR A 236 3.97 -4.08 21.67
CA THR A 236 4.86 -4.28 22.82
C THR A 236 4.11 -4.05 24.13
N ARG B 2 -8.13 -2.55 18.39
CA ARG B 2 -7.20 -1.58 17.80
C ARG B 2 -6.40 -2.21 16.67
N ARG B 3 -6.79 -1.89 15.43
CA ARG B 3 -6.10 -2.40 14.26
C ARG B 3 -4.81 -1.62 14.02
N ARG B 4 -3.74 -2.35 13.71
CA ARG B 4 -2.45 -1.71 13.44
C ARG B 4 -2.57 -0.72 12.29
N LYS B 5 -1.68 0.27 12.29
CA LYS B 5 -1.69 1.31 11.27
C LYS B 5 -0.83 0.95 10.08
N SEP B 6 -1.35 1.16 8.87
CA SEP B 6 -0.47 1.24 7.71
CB SEP B 6 -0.73 0.14 6.66
OG SEP B 6 -2.06 0.25 6.19
C SEP B 6 -0.61 2.64 7.13
O SEP B 6 -1.36 3.47 7.67
P SEP B 6 -2.53 -0.76 5.04
O1P SEP B 6 -4.04 -0.37 4.76
O2P SEP B 6 -1.60 -0.56 3.79
O3P SEP B 6 -2.42 -2.22 5.58
N CYS B 7 0.11 2.95 6.06
CA CYS B 7 0.19 4.31 5.58
C CYS B 7 -1.09 4.67 4.83
N GLN B 8 -1.99 5.33 5.57
CA GLN B 8 -3.35 5.70 5.17
C GLN B 8 -3.62 7.07 5.78
N ALA B 9 -4.49 7.83 5.13
CA ALA B 9 -4.81 9.18 5.60
C ALA B 9 -5.75 9.17 6.81
N NH2 B 10 -6.45 8.05 7.00
MG MG C . 18.00 13.46 -1.43
CL CL D . -21.22 -14.81 -5.43
MG MG E . -3.43 15.27 -25.56
MG MG F . 12.10 -10.51 21.60
C2 OQ9 G . 0.04 8.95 4.96
O1 OQ9 G . 2.42 11.57 4.16
C9 OQ9 G . 3.51 6.70 0.11
C10 OQ9 G . 3.93 8.10 2.12
C4 OQ9 G . 1.79 10.51 4.08
C3 OQ9 G . 0.46 8.08 6.13
C8 OQ9 G . 3.06 7.68 1.11
C7 OQ9 G . 1.77 8.19 1.07
C6 OQ9 G . 1.35 9.09 2.03
C5 OQ9 G . 2.21 9.52 3.03
C1 OQ9 G . 0.33 11.26 5.85
C11 OQ9 G . 3.50 9.01 3.06
N1 OQ9 G . 0.76 10.23 4.90
S1 OQ9 G . 2.05 7.26 5.87
#